data_3B4R
#
_entry.id   3B4R
#
_cell.length_a   124.420
_cell.length_b   124.420
_cell.length_c   136.720
_cell.angle_alpha   90.00
_cell.angle_beta   90.00
_cell.angle_gamma   120.00
#
_symmetry.space_group_name_H-M   'H 3'
#
loop_
_entity.id
_entity.type
_entity.pdbx_description
1 polymer 'Putative zinc metalloprotease MJ0392'
2 non-polymer 'ZINC ION'
#
_entity_poly.entity_id   1
_entity_poly.type   'polypeptide(L)'
_entity_poly.pdbx_seq_one_letter_code
;MNYSIRLFKIMGIPIELHITFILFLVVIIGLSIMNNSIFWAVLFILLFVSVVLHELGHSYVAKKYGVKIEKILLLPIGGV
AMMDKIPKEGELRIGIAGPLVSFIIGIVLLIVSQFFDININGYPLLYTLSLLNLMLGGFNLIPAFPMDGGRILRAILSKK
YGYLKSTKIAANIGKSLALIMLLFGLLSMNIILILVSLFVYFGAEQESRVVEVETIFKNIKAKD
;
_entity_poly.pdbx_strand_id   A,B
#
# COMPACT_ATOMS: atom_id res chain seq x y z
N TYR A 3 -11.14 4.02 30.66
CA TYR A 3 -12.62 4.13 30.69
C TYR A 3 -13.27 4.03 29.31
N SER A 4 -13.87 2.89 29.02
CA SER A 4 -14.56 2.67 27.76
C SER A 4 -16.04 2.50 28.07
N ILE A 5 -16.87 2.53 27.02
CA ILE A 5 -18.30 2.35 27.21
C ILE A 5 -18.83 1.24 26.31
N ARG A 6 -19.44 0.24 26.94
CA ARG A 6 -20.01 -0.89 26.21
C ARG A 6 -20.94 -0.41 25.11
N LEU A 7 -20.94 -1.13 23.99
CA LEU A 7 -21.82 -0.77 22.89
C LEU A 7 -22.65 -2.01 22.57
N PHE A 8 -21.96 -3.09 22.24
CA PHE A 8 -22.58 -4.38 21.95
C PHE A 8 -21.52 -5.33 21.45
N LYS A 9 -21.81 -6.62 21.53
CA LYS A 9 -20.84 -7.60 21.09
C LYS A 9 -21.24 -8.22 19.76
N ILE A 10 -20.27 -8.34 18.87
CA ILE A 10 -20.50 -8.94 17.56
C ILE A 10 -19.55 -10.12 17.41
N MET A 11 -20.00 -11.16 16.73
CA MET A 11 -19.20 -12.36 16.50
C MET A 11 -18.44 -12.84 17.74
N GLY A 12 -19.01 -12.56 18.92
CA GLY A 12 -18.38 -12.99 20.16
C GLY A 12 -17.22 -12.15 20.63
N ILE A 13 -17.20 -10.87 20.25
CA ILE A 13 -16.12 -9.99 20.67
C ILE A 13 -16.68 -8.65 21.16
N PRO A 14 -16.29 -8.25 22.37
CA PRO A 14 -16.74 -6.99 22.99
C PRO A 14 -16.26 -5.75 22.22
N ILE A 15 -17.21 -4.91 21.83
CA ILE A 15 -16.89 -3.68 21.10
C ILE A 15 -17.12 -2.47 21.99
N GLU A 16 -16.04 -1.77 22.33
CA GLU A 16 -16.10 -0.59 23.20
C GLU A 16 -15.77 0.73 22.50
N LEU A 17 -16.07 1.83 23.19
CA LEU A 17 -15.78 3.16 22.68
C LEU A 17 -14.95 3.93 23.69
N HIS A 18 -13.68 4.16 23.37
CA HIS A 18 -12.77 4.87 24.26
C HIS A 18 -13.21 6.33 24.47
N ILE A 19 -12.87 6.90 25.63
CA ILE A 19 -13.24 8.28 25.96
C ILE A 19 -12.75 9.19 24.85
N THR A 20 -11.49 9.01 24.47
CA THR A 20 -10.88 9.79 23.43
C THR A 20 -11.77 9.78 22.19
N PHE A 21 -12.33 8.60 21.89
CA PHE A 21 -13.20 8.42 20.74
C PHE A 21 -14.53 9.12 20.93
N ILE A 22 -15.04 9.07 22.16
CA ILE A 22 -16.32 9.70 22.47
C ILE A 22 -16.19 11.22 22.43
N LEU A 23 -15.21 11.75 23.14
CA LEU A 23 -14.99 13.19 23.14
C LEU A 23 -14.84 13.59 21.67
N PHE A 24 -14.07 12.81 20.94
CA PHE A 24 -13.84 13.06 19.53
C PHE A 24 -15.16 13.01 18.76
N LEU A 25 -15.99 12.02 19.06
CA LEU A 25 -17.28 11.90 18.39
C LEU A 25 -18.16 13.09 18.73
N VAL A 26 -18.21 13.43 20.01
CA VAL A 26 -19.00 14.56 20.49
C VAL A 26 -18.66 15.83 19.73
N VAL A 27 -17.36 16.12 19.61
CA VAL A 27 -16.92 17.29 18.88
C VAL A 27 -17.44 17.22 17.45
N ILE A 28 -17.43 16.03 16.87
CA ILE A 28 -17.90 15.84 15.50
C ILE A 28 -19.41 16.08 15.42
N ILE A 29 -20.16 15.41 16.29
CA ILE A 29 -21.61 15.56 16.30
C ILE A 29 -21.95 17.03 16.46
N GLY A 30 -21.20 17.71 17.31
CA GLY A 30 -21.42 19.14 17.53
C GLY A 30 -21.08 19.97 16.31
N LEU A 31 -20.00 19.62 15.63
CA LEU A 31 -19.59 20.35 14.43
C LEU A 31 -20.50 20.02 13.26
N SER A 32 -21.36 19.03 13.45
CA SER A 32 -22.33 18.62 12.43
C SER A 32 -23.63 19.39 12.65
N ILE A 33 -23.58 20.34 13.58
CA ILE A 33 -24.73 21.17 13.92
C ILE A 33 -24.35 22.66 13.90
N MET A 34 -23.09 22.97 14.19
CA MET A 34 -22.63 24.36 14.19
C MET A 34 -22.65 24.88 12.77
N ASN A 35 -22.56 23.95 11.83
CA ASN A 35 -22.60 24.26 10.40
C ASN A 35 -23.39 23.10 9.82
N ASN A 36 -23.74 23.17 8.54
CA ASN A 36 -24.49 22.07 7.93
C ASN A 36 -23.56 21.05 7.29
N SER A 37 -22.61 20.53 8.07
CA SER A 37 -21.68 19.52 7.57
C SER A 37 -22.31 18.15 7.82
N ILE A 38 -23.54 18.00 7.31
CA ILE A 38 -24.31 16.78 7.46
C ILE A 38 -23.53 15.48 7.25
N PHE A 39 -23.16 15.19 6.01
CA PHE A 39 -22.44 13.95 5.69
C PHE A 39 -21.14 13.76 6.46
N TRP A 40 -20.49 14.85 6.86
CA TRP A 40 -19.26 14.72 7.61
C TRP A 40 -19.44 13.87 8.85
N ALA A 41 -20.58 14.01 9.52
CA ALA A 41 -20.84 13.23 10.72
C ALA A 41 -21.14 11.80 10.32
N VAL A 42 -22.01 11.63 9.33
CA VAL A 42 -22.38 10.30 8.90
C VAL A 42 -21.15 9.52 8.43
N LEU A 43 -20.25 10.21 7.72
CA LEU A 43 -19.03 9.59 7.22
C LEU A 43 -18.25 9.01 8.39
N PHE A 44 -17.95 9.86 9.36
CA PHE A 44 -17.22 9.40 10.52
C PHE A 44 -17.83 8.11 11.06
N ILE A 45 -19.15 8.03 11.03
CA ILE A 45 -19.85 6.86 11.52
C ILE A 45 -19.59 5.66 10.62
N LEU A 46 -19.78 5.84 9.32
CA LEU A 46 -19.55 4.76 8.34
C LEU A 46 -18.12 4.26 8.46
N LEU A 47 -17.21 5.22 8.48
CA LEU A 47 -15.78 4.93 8.58
C LEU A 47 -15.58 3.95 9.71
N PHE A 48 -15.83 4.39 10.94
CA PHE A 48 -15.61 3.52 12.07
C PHE A 48 -16.43 2.24 12.09
N VAL A 49 -17.60 2.25 11.48
CA VAL A 49 -18.37 1.01 11.42
C VAL A 49 -17.47 0.06 10.62
N SER A 50 -16.98 0.56 9.47
CA SER A 50 -16.12 -0.20 8.59
C SER A 50 -14.86 -0.67 9.30
N VAL A 51 -14.30 0.22 10.13
CA VAL A 51 -13.11 -0.05 10.92
C VAL A 51 -13.38 -1.26 11.79
N VAL A 52 -14.55 -1.26 12.41
CA VAL A 52 -14.99 -2.36 13.27
C VAL A 52 -14.77 -3.68 12.55
N LEU A 53 -15.43 -3.81 11.40
CA LEU A 53 -15.34 -5.02 10.60
C LEU A 53 -13.91 -5.40 10.23
N HIS A 54 -13.12 -4.40 9.82
CA HIS A 54 -11.73 -4.68 9.46
C HIS A 54 -11.02 -5.29 10.66
N GLU A 55 -11.15 -4.66 11.81
CA GLU A 55 -10.50 -5.17 13.00
C GLU A 55 -11.22 -6.39 13.56
N LEU A 56 -12.21 -6.88 12.83
CA LEU A 56 -12.95 -8.07 13.24
C LEU A 56 -12.38 -9.25 12.50
N GLY A 57 -12.18 -9.06 11.19
CA GLY A 57 -11.60 -10.11 10.39
C GLY A 57 -10.24 -10.41 10.99
N HIS A 58 -9.48 -9.35 11.25
CA HIS A 58 -8.17 -9.46 11.86
C HIS A 58 -8.35 -10.41 13.04
N SER A 59 -9.36 -10.13 13.86
CA SER A 59 -9.65 -10.91 15.05
C SER A 59 -9.89 -12.40 14.78
N TYR A 60 -10.93 -12.70 14.02
CA TYR A 60 -11.32 -14.05 13.66
C TYR A 60 -10.12 -14.95 13.36
N VAL A 61 -9.46 -14.69 12.25
CA VAL A 61 -8.29 -15.47 11.84
C VAL A 61 -7.33 -15.63 13.01
N ALA A 62 -7.41 -14.72 13.97
CA ALA A 62 -6.53 -14.76 15.13
C ALA A 62 -7.03 -15.80 16.13
N LYS A 63 -8.33 -15.78 16.42
CA LYS A 63 -8.95 -16.72 17.35
C LYS A 63 -8.50 -18.14 17.01
N LYS A 64 -8.50 -18.43 15.71
CA LYS A 64 -8.10 -19.74 15.22
C LYS A 64 -6.60 -19.95 15.38
N TYR A 65 -6.06 -19.38 16.45
CA TYR A 65 -4.64 -19.43 16.80
C TYR A 65 -4.43 -19.22 18.32
N GLY A 66 -5.40 -18.57 18.95
CA GLY A 66 -5.34 -18.27 20.38
C GLY A 66 -6.18 -17.03 20.65
N VAL A 67 -7.42 -17.25 21.05
CA VAL A 67 -8.40 -16.19 21.32
C VAL A 67 -8.03 -15.16 22.40
N LYS A 68 -6.83 -14.58 22.29
CA LYS A 68 -6.39 -13.57 23.25
C LYS A 68 -7.24 -12.32 23.10
N ILE A 69 -8.29 -12.41 22.27
CA ILE A 69 -9.18 -11.29 22.00
C ILE A 69 -10.21 -11.08 23.10
N GLU A 70 -9.99 -10.06 23.92
CA GLU A 70 -10.89 -9.76 25.03
C GLU A 70 -11.90 -8.71 24.61
N LYS A 71 -11.39 -7.56 24.25
CA LYS A 71 -12.21 -6.43 23.84
C LYS A 71 -11.80 -5.90 22.49
N ILE A 72 -12.45 -4.80 22.12
CA ILE A 72 -12.19 -4.09 20.88
C ILE A 72 -12.71 -2.67 21.09
N LEU A 73 -11.81 -1.75 21.38
CA LEU A 73 -12.18 -0.37 21.60
C LEU A 73 -11.73 0.47 20.43
N LEU A 74 -12.56 1.43 20.07
CA LEU A 74 -12.24 2.27 18.96
C LEU A 74 -11.58 3.57 19.39
N LEU A 75 -10.29 3.71 19.10
CA LEU A 75 -9.59 4.94 19.39
C LEU A 75 -9.78 5.84 18.17
N PRO A 76 -9.97 7.15 18.36
CA PRO A 76 -10.17 8.04 17.21
C PRO A 76 -9.27 7.78 16.01
N ILE A 77 -8.08 7.22 16.25
CA ILE A 77 -7.12 6.89 15.19
C ILE A 77 -7.34 5.43 14.78
N GLY A 78 -8.53 5.14 14.26
CA GLY A 78 -8.84 3.79 13.84
C GLY A 78 -9.40 2.95 14.97
N GLY A 79 -8.98 1.69 15.07
CA GLY A 79 -9.48 0.84 16.13
C GLY A 79 -8.51 -0.24 16.54
N VAL A 80 -8.45 -0.52 17.84
CA VAL A 80 -7.54 -1.53 18.34
C VAL A 80 -8.26 -2.70 19.02
N ALA A 81 -7.87 -3.90 18.61
CA ALA A 81 -8.43 -5.16 19.12
C ALA A 81 -7.55 -5.68 20.24
N MET A 82 -7.98 -5.46 21.48
CA MET A 82 -7.24 -5.92 22.66
C MET A 82 -6.97 -7.42 22.58
N MET A 83 -5.71 -7.78 22.40
CA MET A 83 -5.31 -9.18 22.32
C MET A 83 -4.15 -9.42 23.26
N ASP A 84 -3.64 -10.65 23.27
CA ASP A 84 -2.51 -10.97 24.11
C ASP A 84 -1.38 -11.54 23.26
N LYS A 85 -0.76 -12.63 23.70
CA LYS A 85 0.35 -13.18 22.92
C LYS A 85 -0.07 -13.51 21.51
N ILE A 86 0.80 -13.19 20.55
CA ILE A 86 0.52 -13.50 19.16
C ILE A 86 1.69 -14.29 18.59
N PRO A 87 1.41 -15.51 18.12
CA PRO A 87 2.41 -16.39 17.54
C PRO A 87 3.24 -15.71 16.47
N LYS A 88 4.40 -16.27 16.19
CA LYS A 88 5.24 -15.70 15.14
C LYS A 88 5.00 -16.46 13.85
N GLU A 89 4.22 -17.53 13.90
CA GLU A 89 3.93 -18.28 12.68
C GLU A 89 2.46 -18.14 12.29
N GLY A 90 1.80 -17.15 12.87
CA GLY A 90 0.40 -16.90 12.58
C GLY A 90 0.18 -15.46 12.14
N GLU A 91 1.19 -14.64 12.37
CA GLU A 91 1.15 -13.23 11.99
C GLU A 91 0.72 -13.06 10.54
N LEU A 92 1.61 -13.39 9.62
CA LEU A 92 1.33 -13.24 8.21
C LEU A 92 -0.16 -13.39 7.90
N ARG A 93 -0.83 -14.34 8.54
CA ARG A 93 -2.26 -14.53 8.30
C ARG A 93 -3.11 -13.48 9.00
N ILE A 94 -3.02 -13.42 10.33
CA ILE A 94 -3.79 -12.46 11.12
C ILE A 94 -3.62 -11.03 10.58
N GLY A 95 -2.47 -10.76 9.99
CA GLY A 95 -2.20 -9.45 9.45
C GLY A 95 -3.01 -9.18 8.19
N ILE A 96 -2.88 -10.05 7.19
CA ILE A 96 -3.63 -9.90 5.94
C ILE A 96 -5.12 -10.08 6.19
N ALA A 97 -5.46 -10.87 7.21
CA ALA A 97 -6.86 -11.15 7.57
C ALA A 97 -7.75 -9.91 7.50
N GLY A 98 -7.32 -8.85 8.16
CA GLY A 98 -8.06 -7.61 8.17
C GLY A 98 -8.11 -6.97 6.81
N PRO A 99 -6.97 -6.82 6.13
CA PRO A 99 -7.11 -6.19 4.80
C PRO A 99 -8.03 -6.95 3.82
N LEU A 100 -8.14 -8.27 3.95
CA LEU A 100 -9.01 -9.04 3.05
C LEU A 100 -10.44 -8.63 3.29
N VAL A 101 -10.86 -8.78 4.53
CA VAL A 101 -12.19 -8.41 4.97
C VAL A 101 -12.60 -7.04 4.42
N SER A 102 -11.87 -6.00 4.79
CA SER A 102 -12.21 -4.65 4.33
C SER A 102 -12.09 -4.50 2.82
N PHE A 103 -11.34 -5.39 2.17
CA PHE A 103 -11.19 -5.32 0.72
C PHE A 103 -12.40 -5.99 0.06
N ILE A 104 -12.69 -7.20 0.49
CA ILE A 104 -13.84 -7.95 -0.01
C ILE A 104 -15.07 -7.09 0.20
N ILE A 105 -15.36 -6.77 1.46
CA ILE A 105 -16.50 -5.93 1.79
C ILE A 105 -16.56 -4.73 0.83
N GLY A 106 -15.42 -4.13 0.53
CA GLY A 106 -15.40 -2.98 -0.36
C GLY A 106 -15.70 -3.32 -1.80
N ILE A 107 -15.19 -4.45 -2.27
CA ILE A 107 -15.41 -4.88 -3.65
C ILE A 107 -16.87 -5.31 -3.88
N VAL A 108 -17.49 -5.89 -2.85
CA VAL A 108 -18.89 -6.30 -2.94
C VAL A 108 -19.74 -5.03 -2.98
N LEU A 109 -19.82 -4.32 -1.85
CA LEU A 109 -20.61 -3.09 -1.76
C LEU A 109 -20.40 -2.19 -2.96
N LEU A 110 -19.29 -2.39 -3.67
CA LEU A 110 -18.98 -1.58 -4.85
C LEU A 110 -19.81 -2.01 -6.04
N ILE A 111 -19.87 -3.32 -6.25
CA ILE A 111 -20.64 -3.91 -7.33
C ILE A 111 -22.12 -3.61 -7.07
N VAL A 112 -22.61 -4.00 -5.88
CA VAL A 112 -23.99 -3.77 -5.50
C VAL A 112 -24.40 -2.28 -5.60
N SER A 113 -23.49 -1.38 -5.26
CA SER A 113 -23.78 0.05 -5.34
C SER A 113 -23.72 0.53 -6.79
N GLN A 114 -24.30 -0.27 -7.68
CA GLN A 114 -24.36 0.04 -9.10
C GLN A 114 -25.63 -0.62 -9.62
N PHE A 115 -26.34 -1.26 -8.70
CA PHE A 115 -27.60 -1.94 -8.98
C PHE A 115 -28.60 -1.44 -7.95
N PHE A 116 -28.08 -0.79 -6.91
CA PHE A 116 -28.91 -0.23 -5.85
C PHE A 116 -28.10 0.48 -4.77
N ASP A 117 -28.67 1.55 -4.21
CA ASP A 117 -28.05 2.31 -3.12
C ASP A 117 -29.00 3.34 -2.51
N ILE A 118 -28.50 4.10 -1.53
CA ILE A 118 -29.31 5.12 -0.86
C ILE A 118 -28.69 6.50 -1.06
N ASN A 119 -29.51 7.42 -1.55
CA ASN A 119 -29.06 8.79 -1.81
C ASN A 119 -29.41 9.72 -0.65
N ILE A 120 -28.39 10.24 0.02
CA ILE A 120 -28.59 11.17 1.11
C ILE A 120 -28.03 12.50 0.65
N ASN A 121 -28.91 13.40 0.23
CA ASN A 121 -28.48 14.70 -0.27
C ASN A 121 -27.65 14.45 -1.52
N GLY A 122 -27.75 13.23 -2.05
CA GLY A 122 -27.00 12.87 -3.23
C GLY A 122 -25.97 11.78 -2.99
N TYR A 123 -25.14 11.97 -1.98
CA TYR A 123 -24.10 10.99 -1.66
C TYR A 123 -24.67 9.60 -1.43
N PRO A 124 -24.27 8.63 -2.27
CA PRO A 124 -24.74 7.24 -2.17
C PRO A 124 -24.00 6.43 -1.10
N LEU A 125 -24.54 6.41 0.12
CA LEU A 125 -23.94 5.69 1.23
C LEU A 125 -23.24 4.39 0.84
N LEU A 126 -23.97 3.47 0.20
CA LEU A 126 -23.34 2.22 -0.21
C LEU A 126 -22.05 2.50 -0.96
N TYR A 127 -22.18 3.18 -2.09
CA TYR A 127 -21.03 3.52 -2.92
C TYR A 127 -19.91 4.10 -2.06
N THR A 128 -20.18 5.23 -1.43
CA THR A 128 -19.20 5.88 -0.56
C THR A 128 -18.41 4.84 0.21
N LEU A 129 -19.12 4.06 1.02
CA LEU A 129 -18.50 3.04 1.83
C LEU A 129 -17.53 2.14 1.08
N SER A 130 -18.02 1.38 0.10
CA SER A 130 -17.14 0.50 -0.65
C SER A 130 -15.80 1.19 -0.82
N LEU A 131 -15.85 2.41 -1.36
CA LEU A 131 -14.66 3.23 -1.59
C LEU A 131 -13.73 3.28 -0.37
N LEU A 132 -14.30 3.63 0.78
CA LEU A 132 -13.52 3.72 2.03
C LEU A 132 -12.92 2.37 2.38
N ASN A 133 -13.74 1.33 2.36
CA ASN A 133 -13.27 -0.02 2.66
C ASN A 133 -12.10 -0.37 1.74
N LEU A 134 -12.24 0.02 0.48
CA LEU A 134 -11.22 -0.25 -0.51
C LEU A 134 -9.90 0.41 -0.12
N MET A 135 -9.98 1.67 0.28
CA MET A 135 -8.80 2.39 0.71
C MET A 135 -8.32 1.70 1.98
N LEU A 136 -9.21 1.58 2.96
CA LEU A 136 -8.81 0.93 4.21
C LEU A 136 -8.22 -0.43 3.93
N GLY A 137 -8.71 -1.09 2.91
CA GLY A 137 -8.12 -2.36 2.58
C GLY A 137 -6.74 -2.12 2.00
N GLY A 138 -6.70 -1.54 0.80
CA GLY A 138 -5.44 -1.25 0.12
C GLY A 138 -4.39 -0.44 0.85
N PHE A 139 -4.77 0.59 1.59
CA PHE A 139 -3.76 1.38 2.29
C PHE A 139 -3.07 0.57 3.36
N ASN A 140 -3.80 -0.33 4.00
CA ASN A 140 -3.22 -1.13 5.05
C ASN A 140 -2.35 -2.26 4.52
N LEU A 141 -1.84 -2.04 3.31
CA LEU A 141 -0.98 -3.02 2.65
C LEU A 141 0.37 -2.41 2.26
N ILE A 142 0.54 -1.11 2.46
CA ILE A 142 1.82 -0.49 2.15
C ILE A 142 2.78 -1.23 3.08
N PRO A 143 3.82 -1.86 2.54
CA PRO A 143 4.75 -2.60 3.38
C PRO A 143 5.53 -1.72 4.36
N ALA A 144 4.85 -1.26 5.42
CA ALA A 144 5.47 -0.40 6.42
C ALA A 144 4.76 -0.54 7.75
N PHE A 145 5.28 0.13 8.79
CA PHE A 145 4.61 0.10 10.09
C PHE A 145 3.88 1.43 10.30
N PRO A 146 2.77 1.45 11.06
CA PRO A 146 2.05 0.41 11.80
C PRO A 146 0.99 -0.32 10.97
N MET A 147 0.90 0.05 9.69
CA MET A 147 -0.05 -0.59 8.79
C MET A 147 0.18 -2.11 8.72
N ASP A 148 -0.91 -2.87 8.65
CA ASP A 148 -0.84 -4.33 8.58
C ASP A 148 0.26 -4.83 7.65
N GLY A 149 0.42 -4.17 6.50
CA GLY A 149 1.45 -4.55 5.55
C GLY A 149 2.83 -4.52 6.16
N GLY A 150 2.92 -4.08 7.42
CA GLY A 150 4.19 -4.00 8.12
C GLY A 150 4.45 -5.27 8.87
N ARG A 151 3.39 -5.83 9.44
CA ARG A 151 3.53 -7.08 10.16
C ARG A 151 3.69 -8.15 9.10
N ILE A 152 3.00 -7.92 7.98
CA ILE A 152 3.03 -8.86 6.87
C ILE A 152 4.39 -8.91 6.23
N LEU A 153 4.97 -7.75 5.94
CA LEU A 153 6.29 -7.70 5.33
C LEU A 153 7.33 -8.29 6.26
N ARG A 154 7.18 -8.01 7.55
CA ARG A 154 8.09 -8.55 8.53
C ARG A 154 8.01 -10.06 8.44
N ALA A 155 6.77 -10.60 8.43
CA ALA A 155 6.54 -12.04 8.35
C ALA A 155 7.31 -12.70 7.21
N ILE A 156 7.02 -12.28 5.98
CA ILE A 156 7.70 -12.82 4.81
C ILE A 156 9.20 -12.81 5.06
N LEU A 157 9.69 -11.71 5.61
CA LEU A 157 11.11 -11.57 5.87
C LEU A 157 11.64 -12.33 7.07
N SER A 158 11.04 -12.10 8.23
CA SER A 158 11.45 -12.74 9.48
C SER A 158 12.41 -13.93 9.45
N LYS A 159 11.92 -15.08 9.01
CA LYS A 159 12.75 -16.29 8.99
C LYS A 159 13.98 -16.26 8.07
N LYS A 160 14.23 -15.11 7.45
CA LYS A 160 15.37 -14.99 6.55
C LYS A 160 16.31 -13.87 6.99
N TYR A 161 15.79 -12.84 7.62
CA TYR A 161 16.65 -11.75 8.05
C TYR A 161 16.66 -11.65 9.57
N GLY A 162 16.05 -12.63 10.24
CA GLY A 162 16.03 -12.59 11.68
C GLY A 162 14.99 -11.58 12.10
N TYR A 163 14.13 -11.95 13.05
CA TYR A 163 13.05 -11.10 13.51
C TYR A 163 13.31 -9.61 13.71
N LEU A 164 14.44 -9.24 14.30
CA LEU A 164 14.73 -7.83 14.53
C LEU A 164 15.12 -7.04 13.26
N LYS A 165 15.99 -7.60 12.44
CA LYS A 165 16.38 -6.91 11.22
C LYS A 165 15.19 -6.74 10.28
N SER A 166 14.39 -7.81 10.14
CA SER A 166 13.20 -7.86 9.29
C SER A 166 12.13 -6.92 9.83
N THR A 167 12.21 -6.65 11.13
CA THR A 167 11.30 -5.73 11.78
C THR A 167 11.75 -4.36 11.34
N LYS A 168 13.00 -4.05 11.66
CA LYS A 168 13.64 -2.79 11.33
C LYS A 168 13.39 -2.34 9.90
N ILE A 169 13.43 -3.27 8.94
CA ILE A 169 13.20 -2.88 7.54
C ILE A 169 11.81 -2.27 7.45
N ALA A 170 10.78 -3.04 7.80
CA ALA A 170 9.45 -2.46 7.75
C ALA A 170 9.51 -1.11 8.50
N ALA A 171 9.69 -1.20 9.82
CA ALA A 171 9.76 -0.02 10.66
C ALA A 171 10.54 1.15 10.05
N ASN A 172 11.68 0.86 9.42
CA ASN A 172 12.50 1.91 8.80
C ASN A 172 11.72 2.64 7.69
N ILE A 173 11.11 1.87 6.79
CA ILE A 173 10.35 2.47 5.70
C ILE A 173 9.24 3.37 6.22
N GLY A 174 8.62 2.98 7.32
CA GLY A 174 7.57 3.82 7.88
C GLY A 174 8.22 5.15 8.16
N LYS A 175 9.22 5.11 9.05
CA LYS A 175 9.98 6.29 9.44
C LYS A 175 10.31 7.10 8.18
N SER A 176 10.68 6.37 7.13
CA SER A 176 11.04 6.96 5.83
C SER A 176 9.89 7.73 5.27
N LEU A 177 8.75 7.04 5.13
CA LEU A 177 7.56 7.67 4.58
C LEU A 177 7.10 8.84 5.41
N ALA A 178 7.00 8.61 6.71
CA ALA A 178 6.56 9.63 7.65
C ALA A 178 7.36 10.90 7.52
N LEU A 179 8.69 10.80 7.64
CA LEU A 179 9.54 11.98 7.50
C LEU A 179 9.21 12.78 6.25
N ILE A 180 9.26 12.11 5.11
CA ILE A 180 8.94 12.79 3.85
C ILE A 180 7.59 13.45 3.92
N MET A 181 6.61 12.72 4.44
CA MET A 181 5.27 13.26 4.59
C MET A 181 5.39 14.55 5.38
N LEU A 182 6.12 14.50 6.49
CA LEU A 182 6.30 15.67 7.31
C LEU A 182 6.90 16.80 6.51
N LEU A 183 8.03 16.54 5.87
CA LEU A 183 8.69 17.60 5.10
C LEU A 183 7.71 18.38 4.23
N PHE A 184 6.71 17.70 3.67
CA PHE A 184 5.78 18.44 2.84
C PHE A 184 4.54 18.96 3.55
N GLY A 185 4.20 18.37 4.69
CA GLY A 185 3.07 18.87 5.45
C GLY A 185 3.55 20.15 6.09
N LEU A 186 4.82 20.14 6.47
CA LEU A 186 5.47 21.27 7.11
C LEU A 186 5.85 22.31 6.08
N LEU A 187 5.99 21.87 4.84
CA LEU A 187 6.37 22.77 3.74
C LEU A 187 5.19 23.46 3.06
N SER A 188 4.00 22.90 3.23
CA SER A 188 2.79 23.48 2.67
C SER A 188 1.88 23.88 3.83
N MET A 189 2.41 23.73 5.05
CA MET A 189 1.70 24.02 6.29
C MET A 189 0.26 23.54 6.24
N ASN A 190 0.14 22.22 6.11
CA ASN A 190 -1.14 21.53 6.03
C ASN A 190 -1.23 20.57 7.23
N ILE A 191 -1.69 21.11 8.35
CA ILE A 191 -1.80 20.33 9.58
C ILE A 191 -2.08 18.82 9.44
N ILE A 192 -3.19 18.45 8.81
CA ILE A 192 -3.52 17.03 8.69
C ILE A 192 -2.36 16.21 8.19
N LEU A 193 -1.70 16.68 7.14
CA LEU A 193 -0.57 15.94 6.61
C LEU A 193 0.37 15.70 7.77
N ILE A 194 0.80 16.81 8.38
CA ILE A 194 1.70 16.76 9.54
C ILE A 194 1.21 15.81 10.62
N LEU A 195 -0.01 16.05 11.08
CA LEU A 195 -0.60 15.23 12.14
C LEU A 195 -0.54 13.72 11.84
N VAL A 196 -0.81 13.36 10.60
CA VAL A 196 -0.79 11.96 10.20
C VAL A 196 0.67 11.47 10.13
N SER A 197 1.57 12.32 9.63
CA SER A 197 2.97 11.93 9.50
C SER A 197 3.50 11.56 10.84
N LEU A 198 3.04 12.23 11.89
CA LEU A 198 3.52 11.91 13.22
C LEU A 198 3.01 10.55 13.72
N PHE A 199 1.73 10.27 13.48
CA PHE A 199 1.13 9.01 13.90
C PHE A 199 1.84 7.85 13.29
N VAL A 200 1.96 7.88 11.96
CA VAL A 200 2.67 6.83 11.23
C VAL A 200 4.03 6.66 11.85
N TYR A 201 4.88 7.69 11.72
CA TYR A 201 6.23 7.64 12.26
C TYR A 201 6.34 7.12 13.68
N PHE A 202 5.73 7.76 14.66
CA PHE A 202 5.88 7.20 16.01
C PHE A 202 5.23 5.81 16.10
N GLY A 203 4.46 5.47 15.07
CA GLY A 203 3.81 4.18 15.03
C GLY A 203 4.82 3.14 14.61
N ALA A 204 5.80 3.57 13.81
CA ALA A 204 6.85 2.68 13.34
C ALA A 204 7.90 2.52 14.40
N GLU A 205 8.26 3.64 15.01
CA GLU A 205 9.28 3.67 16.03
C GLU A 205 8.91 2.85 17.27
N GLN A 206 7.64 2.94 17.66
CA GLN A 206 7.17 2.22 18.84
C GLN A 206 7.42 0.72 18.65
N GLU A 207 7.65 0.32 17.42
CA GLU A 207 7.89 -1.09 17.09
C GLU A 207 9.37 -1.49 17.23
N SER A 208 10.26 -0.67 16.69
CA SER A 208 11.70 -0.90 16.76
C SER A 208 12.07 -0.99 18.21
N ARG A 209 11.66 0.02 18.96
CA ARG A 209 11.93 0.13 20.39
C ARG A 209 11.69 -1.20 21.11
N VAL A 210 10.42 -1.54 21.28
CA VAL A 210 10.00 -2.78 21.95
C VAL A 210 10.69 -4.04 21.41
N VAL A 211 10.54 -4.30 20.11
CA VAL A 211 11.19 -5.47 19.51
C VAL A 211 12.65 -5.43 20.00
N GLU A 212 13.38 -4.43 19.51
CA GLU A 212 14.78 -4.23 19.86
C GLU A 212 15.01 -4.42 21.33
N VAL A 213 14.43 -3.59 22.20
CA VAL A 213 14.66 -3.80 23.64
C VAL A 213 14.64 -5.30 23.88
N GLU A 214 13.49 -5.91 23.56
CA GLU A 214 13.28 -7.34 23.71
C GLU A 214 14.46 -8.21 23.27
N THR A 215 14.81 -8.13 21.99
CA THR A 215 15.92 -8.89 21.50
C THR A 215 17.04 -8.84 22.54
N ILE A 216 17.58 -7.66 22.82
CA ILE A 216 18.67 -7.51 23.79
C ILE A 216 18.44 -8.33 25.06
N PHE A 217 17.20 -8.36 25.52
CA PHE A 217 16.82 -9.09 26.72
C PHE A 217 16.90 -10.61 26.49
N LYS A 218 16.57 -11.04 25.27
CA LYS A 218 16.64 -12.46 24.93
C LYS A 218 18.09 -12.88 24.75
N ASN A 219 18.87 -11.99 24.17
CA ASN A 219 20.28 -12.25 23.93
C ASN A 219 21.02 -12.13 25.24
N ILE A 220 20.26 -12.22 26.32
CA ILE A 220 20.78 -12.15 27.68
C ILE A 220 21.58 -10.88 27.93
N TYR B 3 19.43 5.02 -20.50
CA TYR B 3 18.17 4.52 -21.11
C TYR B 3 17.99 3.02 -20.89
N SER B 4 16.82 2.50 -21.23
CA SER B 4 16.50 1.10 -21.05
C SER B 4 16.84 0.21 -22.24
N ILE B 5 16.34 -1.02 -22.21
CA ILE B 5 16.61 -1.97 -23.28
C ILE B 5 15.35 -2.65 -23.80
N ARG B 6 15.11 -2.51 -25.11
CA ARG B 6 13.95 -3.08 -25.76
C ARG B 6 13.78 -4.55 -25.40
N LEU B 7 12.53 -5.01 -25.36
CA LEU B 7 12.22 -6.39 -25.02
C LEU B 7 11.32 -6.97 -26.11
N PHE B 8 10.11 -6.44 -26.19
CA PHE B 8 9.12 -6.84 -27.18
C PHE B 8 7.87 -5.99 -27.04
N LYS B 9 7.07 -5.92 -28.10
CA LYS B 9 5.85 -5.13 -28.08
C LYS B 9 4.59 -6.00 -28.04
N ILE B 10 3.49 -5.39 -27.63
CA ILE B 10 2.19 -6.06 -27.53
C ILE B 10 1.10 -5.03 -27.82
N MET B 11 0.01 -5.48 -28.43
CA MET B 11 -1.11 -4.61 -28.79
C MET B 11 -0.68 -3.26 -29.39
N GLY B 12 0.46 -3.27 -30.07
CA GLY B 12 0.96 -2.05 -30.70
C GLY B 12 1.62 -1.05 -29.77
N ILE B 13 2.19 -1.53 -28.67
CA ILE B 13 2.85 -0.65 -27.70
C ILE B 13 4.21 -1.22 -27.30
N PRO B 14 5.28 -0.42 -27.46
CA PRO B 14 6.63 -0.86 -27.10
C PRO B 14 6.80 -1.10 -25.61
N ILE B 15 7.25 -2.29 -25.25
CA ILE B 15 7.47 -2.63 -23.85
C ILE B 15 8.97 -2.75 -23.56
N GLU B 16 9.46 -1.84 -22.72
CA GLU B 16 10.87 -1.80 -22.36
C GLU B 16 11.17 -2.17 -20.91
N LEU B 17 12.46 -2.36 -20.63
CA LEU B 17 12.94 -2.74 -19.30
C LEU B 17 14.00 -1.74 -18.86
N HIS B 18 13.67 -0.90 -17.89
CA HIS B 18 14.58 0.12 -17.39
C HIS B 18 15.78 -0.52 -16.67
N ILE B 19 16.92 0.16 -16.68
CA ILE B 19 18.12 -0.36 -16.01
C ILE B 19 17.73 -0.89 -14.65
N THR B 20 16.78 -0.19 -14.03
CA THR B 20 16.24 -0.56 -12.72
C THR B 20 16.02 -2.07 -12.65
N PHE B 21 15.44 -2.62 -13.71
CA PHE B 21 15.15 -4.04 -13.75
C PHE B 21 16.37 -4.86 -14.12
N ILE B 22 17.31 -4.23 -14.81
CA ILE B 22 18.51 -4.94 -15.19
C ILE B 22 19.37 -5.06 -13.94
N LEU B 23 19.52 -3.96 -13.22
CA LEU B 23 20.30 -3.98 -11.98
C LEU B 23 19.66 -5.01 -11.05
N PHE B 24 18.34 -4.94 -10.92
CA PHE B 24 17.61 -5.88 -10.07
C PHE B 24 17.80 -7.31 -10.59
N LEU B 25 17.83 -7.46 -11.91
CA LEU B 25 18.07 -8.79 -12.48
C LEU B 25 19.46 -9.26 -12.02
N VAL B 26 20.45 -8.40 -12.29
CA VAL B 26 21.84 -8.67 -11.95
C VAL B 26 21.98 -9.10 -10.50
N VAL B 27 21.37 -8.34 -9.60
CA VAL B 27 21.46 -8.71 -8.18
C VAL B 27 20.91 -10.12 -7.97
N ILE B 28 19.81 -10.45 -8.65
CA ILE B 28 19.20 -11.77 -8.50
C ILE B 28 20.04 -12.88 -9.10
N ILE B 29 20.61 -12.65 -10.28
CA ILE B 29 21.47 -13.64 -10.92
C ILE B 29 22.62 -13.94 -9.95
N GLY B 30 23.21 -12.88 -9.43
CA GLY B 30 24.31 -13.06 -8.50
C GLY B 30 23.85 -13.78 -7.26
N LEU B 31 22.68 -13.43 -6.75
CA LEU B 31 22.12 -14.07 -5.56
C LEU B 31 21.81 -15.54 -5.81
N SER B 32 21.71 -15.92 -7.07
CA SER B 32 21.42 -17.31 -7.41
C SER B 32 22.70 -18.09 -7.60
N ILE B 33 23.80 -17.49 -7.20
CA ILE B 33 25.11 -18.10 -7.29
C ILE B 33 25.73 -18.04 -5.91
N MET B 34 25.15 -17.17 -5.07
CA MET B 34 25.58 -17.00 -3.69
C MET B 34 25.25 -18.30 -3.00
N ASN B 35 24.09 -18.83 -3.36
CA ASN B 35 23.62 -20.08 -2.82
C ASN B 35 23.02 -20.82 -3.99
N ASN B 36 22.58 -22.05 -3.76
CA ASN B 36 22.00 -22.86 -4.81
C ASN B 36 20.54 -22.47 -4.98
N SER B 37 20.35 -21.30 -5.58
CA SER B 37 19.04 -20.73 -5.82
C SER B 37 18.22 -21.47 -6.85
N ILE B 38 17.01 -20.95 -7.03
CA ILE B 38 16.00 -21.43 -7.97
C ILE B 38 15.00 -20.34 -7.70
N PHE B 39 14.81 -20.12 -6.40
CA PHE B 39 13.88 -19.16 -5.84
C PHE B 39 14.11 -17.73 -6.30
N TRP B 40 15.32 -17.21 -6.11
CA TRP B 40 15.60 -15.85 -6.53
C TRP B 40 15.33 -15.62 -8.00
N ALA B 41 15.56 -16.65 -8.82
CA ALA B 41 15.30 -16.54 -10.24
C ALA B 41 13.78 -16.57 -10.39
N VAL B 42 13.14 -17.51 -9.72
CA VAL B 42 11.68 -17.67 -9.74
C VAL B 42 10.99 -16.34 -9.48
N LEU B 43 11.35 -15.73 -8.35
CA LEU B 43 10.77 -14.46 -7.95
C LEU B 43 10.89 -13.43 -9.06
N PHE B 44 12.10 -13.18 -9.53
CA PHE B 44 12.26 -12.19 -10.58
C PHE B 44 11.23 -12.39 -11.70
N ILE B 45 10.93 -13.64 -12.01
CA ILE B 45 9.97 -13.94 -13.06
C ILE B 45 8.55 -13.58 -12.59
N LEU B 46 8.18 -14.09 -11.41
CA LEU B 46 6.86 -13.82 -10.82
C LEU B 46 6.58 -12.33 -10.75
N LEU B 47 7.54 -11.60 -10.19
CA LEU B 47 7.47 -10.15 -10.04
C LEU B 47 7.17 -9.56 -11.39
N PHE B 48 8.11 -9.74 -12.31
CA PHE B 48 8.00 -9.29 -13.69
C PHE B 48 6.60 -9.51 -14.27
N VAL B 49 6.12 -10.75 -14.17
CA VAL B 49 4.79 -11.12 -14.67
C VAL B 49 3.70 -10.26 -14.02
N SER B 50 3.82 -10.13 -12.70
CA SER B 50 2.88 -9.36 -11.88
C SER B 50 2.90 -7.87 -12.24
N VAL B 51 4.07 -7.35 -12.55
CA VAL B 51 4.20 -5.95 -12.93
C VAL B 51 3.52 -5.78 -14.29
N VAL B 52 3.74 -6.72 -15.19
CA VAL B 52 3.13 -6.61 -16.49
C VAL B 52 1.62 -6.44 -16.27
N LEU B 53 0.99 -7.38 -15.57
CA LEU B 53 -0.44 -7.31 -15.32
C LEU B 53 -0.82 -5.96 -14.71
N HIS B 54 -0.04 -5.47 -13.75
CA HIS B 54 -0.32 -4.17 -13.12
C HIS B 54 -0.32 -3.10 -14.18
N GLU B 55 0.65 -3.16 -15.10
CA GLU B 55 0.74 -2.17 -16.16
C GLU B 55 -0.24 -2.44 -17.28
N LEU B 56 -1.04 -3.49 -17.13
CA LEU B 56 -2.03 -3.78 -18.15
C LEU B 56 -3.32 -3.13 -17.70
N GLY B 57 -3.64 -3.25 -16.42
CA GLY B 57 -4.85 -2.63 -15.91
C GLY B 57 -4.76 -1.15 -16.20
N HIS B 58 -3.61 -0.56 -15.86
CA HIS B 58 -3.36 0.86 -16.09
C HIS B 58 -3.72 1.15 -17.55
N SER B 59 -3.26 0.28 -18.45
CA SER B 59 -3.52 0.44 -19.89
C SER B 59 -5.00 0.41 -20.27
N TYR B 60 -5.68 -0.71 -20.01
CA TYR B 60 -7.10 -0.85 -20.34
C TYR B 60 -7.90 0.41 -20.02
N VAL B 61 -8.04 0.72 -18.74
CA VAL B 61 -8.80 1.90 -18.36
C VAL B 61 -8.35 3.14 -19.12
N ALA B 62 -7.13 3.13 -19.63
CA ALA B 62 -6.60 4.26 -20.37
C ALA B 62 -7.16 4.27 -21.79
N LYS B 63 -7.18 3.12 -22.44
CA LYS B 63 -7.69 3.04 -23.79
C LYS B 63 -9.17 3.42 -23.84
N LYS B 64 -9.90 3.16 -22.77
CA LYS B 64 -11.31 3.53 -22.74
C LYS B 64 -11.42 5.03 -22.50
N TYR B 65 -10.35 5.75 -22.79
CA TYR B 65 -10.31 7.19 -22.61
C TYR B 65 -9.45 7.80 -23.71
N GLY B 66 -8.43 8.56 -23.30
CA GLY B 66 -7.52 9.18 -24.24
C GLY B 66 -6.87 8.15 -25.14
N VAL B 67 -6.52 7.01 -24.55
CA VAL B 67 -5.91 5.89 -25.27
C VAL B 67 -4.48 6.20 -25.74
N LYS B 68 -4.03 7.43 -25.51
CA LYS B 68 -2.69 7.85 -25.92
C LYS B 68 -1.52 7.04 -25.35
N ILE B 69 -1.49 5.73 -25.61
CA ILE B 69 -0.41 4.91 -25.10
C ILE B 69 0.66 4.68 -26.17
N GLU B 70 1.81 5.31 -25.97
CA GLU B 70 2.91 5.16 -26.93
C GLU B 70 4.02 4.25 -26.46
N LYS B 71 4.29 4.23 -25.16
CA LYS B 71 5.35 3.39 -24.63
C LYS B 71 4.95 2.81 -23.27
N ILE B 72 5.77 1.90 -22.77
CA ILE B 72 5.57 1.28 -21.47
C ILE B 72 6.92 0.87 -20.91
N LEU B 73 7.36 1.53 -19.85
CA LEU B 73 8.63 1.21 -19.22
C LEU B 73 8.29 0.42 -17.98
N LEU B 74 8.93 -0.74 -17.80
CA LEU B 74 8.67 -1.59 -16.64
C LEU B 74 9.77 -1.56 -15.59
N LEU B 75 9.34 -1.37 -14.34
CA LEU B 75 10.22 -1.32 -13.17
C LEU B 75 9.73 -2.39 -12.21
N PRO B 76 10.60 -2.89 -11.34
CA PRO B 76 10.15 -3.92 -10.39
C PRO B 76 9.12 -3.32 -9.45
N ILE B 77 9.14 -1.99 -9.35
CA ILE B 77 8.21 -1.23 -8.50
C ILE B 77 6.88 -1.10 -9.21
N GLY B 78 6.95 -0.69 -10.48
CA GLY B 78 5.76 -0.52 -11.29
C GLY B 78 6.13 -0.09 -12.71
N GLY B 79 5.23 0.65 -13.36
CA GLY B 79 5.53 1.08 -14.71
C GLY B 79 5.35 2.56 -14.99
N VAL B 80 6.31 3.13 -15.70
CA VAL B 80 6.26 4.52 -16.05
C VAL B 80 5.73 4.58 -17.48
N ALA B 81 4.54 4.00 -17.68
CA ALA B 81 3.91 3.97 -19.00
C ALA B 81 3.87 5.38 -19.58
N MET B 82 4.82 5.68 -20.45
CA MET B 82 4.85 7.00 -21.04
C MET B 82 3.67 7.26 -21.95
N MET B 83 2.94 8.32 -21.63
CA MET B 83 1.78 8.72 -22.41
C MET B 83 1.68 10.24 -22.46
N ASP B 84 0.60 10.74 -23.06
CA ASP B 84 0.38 12.18 -23.23
C ASP B 84 -0.87 12.67 -22.51
N LYS B 85 -1.70 13.41 -23.24
CA LYS B 85 -2.95 13.95 -22.72
C LYS B 85 -3.66 12.91 -21.89
N ILE B 86 -4.22 13.33 -20.78
CA ILE B 86 -4.96 12.43 -19.92
C ILE B 86 -6.32 13.06 -19.65
N PRO B 87 -7.38 12.54 -20.27
CA PRO B 87 -8.74 13.06 -20.09
C PRO B 87 -9.05 13.25 -18.61
N LYS B 88 -9.98 14.15 -18.33
CA LYS B 88 -10.44 14.50 -16.99
C LYS B 88 -11.18 13.34 -16.32
N GLU B 89 -10.56 12.72 -15.32
CA GLU B 89 -11.17 11.59 -14.63
C GLU B 89 -10.45 10.32 -15.13
N GLY B 90 -9.46 10.51 -15.99
CA GLY B 90 -8.69 9.39 -16.50
C GLY B 90 -7.52 9.26 -15.54
N GLU B 91 -7.15 10.40 -14.97
CA GLU B 91 -6.10 10.44 -14.00
C GLU B 91 -6.54 9.55 -12.85
N LEU B 92 -7.26 10.18 -11.93
CA LEU B 92 -7.80 9.51 -10.77
C LEU B 92 -8.06 8.04 -11.02
N ARG B 93 -8.66 7.73 -12.16
CA ARG B 93 -8.98 6.36 -12.49
C ARG B 93 -7.82 5.53 -13.03
N ILE B 94 -7.23 5.97 -14.14
CA ILE B 94 -6.10 5.25 -14.71
C ILE B 94 -5.02 4.98 -13.65
N GLY B 95 -4.89 5.90 -12.69
CA GLY B 95 -3.91 5.74 -11.63
C GLY B 95 -4.20 4.60 -10.68
N ILE B 96 -5.42 4.57 -10.15
CA ILE B 96 -5.80 3.51 -9.23
C ILE B 96 -6.13 2.20 -9.96
N ALA B 97 -6.36 2.32 -11.27
CA ALA B 97 -6.68 1.17 -12.12
C ALA B 97 -5.69 0.03 -11.90
N GLY B 98 -4.41 0.36 -12.03
CA GLY B 98 -3.35 -0.62 -11.84
C GLY B 98 -3.36 -1.19 -10.43
N PRO B 99 -3.30 -0.33 -9.41
CA PRO B 99 -3.31 -0.91 -8.07
C PRO B 99 -4.47 -1.87 -7.82
N LEU B 100 -5.63 -1.61 -8.40
CA LEU B 100 -6.72 -2.54 -8.17
C LEU B 100 -6.40 -3.91 -8.76
N VAL B 101 -6.01 -3.92 -10.03
CA VAL B 101 -5.66 -5.20 -10.67
C VAL B 101 -4.71 -5.96 -9.74
N SER B 102 -3.56 -5.34 -9.46
CA SER B 102 -2.55 -5.93 -8.62
C SER B 102 -3.17 -6.40 -7.31
N PHE B 103 -4.13 -5.63 -6.81
CA PHE B 103 -4.81 -5.97 -5.55
C PHE B 103 -5.72 -7.17 -5.68
N ILE B 104 -6.62 -7.14 -6.66
CA ILE B 104 -7.55 -8.24 -6.85
C ILE B 104 -6.75 -9.50 -7.20
N ILE B 105 -5.90 -9.40 -8.22
CA ILE B 105 -5.10 -10.57 -8.56
C ILE B 105 -4.44 -11.15 -7.31
N GLY B 106 -3.90 -10.29 -6.46
CA GLY B 106 -3.27 -10.76 -5.24
C GLY B 106 -4.20 -11.42 -4.22
N ILE B 107 -5.39 -10.84 -4.06
CA ILE B 107 -6.37 -11.35 -3.12
C ILE B 107 -6.97 -12.67 -3.60
N VAL B 108 -7.15 -12.79 -4.91
CA VAL B 108 -7.68 -14.01 -5.50
C VAL B 108 -6.65 -15.13 -5.27
N LEU B 109 -5.52 -15.05 -5.98
CA LEU B 109 -4.45 -16.05 -5.84
C LEU B 109 -4.14 -16.37 -4.39
N LEU B 110 -4.43 -15.45 -3.47
CA LEU B 110 -4.16 -15.70 -2.07
C LEU B 110 -5.13 -16.75 -1.54
N ILE B 111 -6.41 -16.56 -1.83
CA ILE B 111 -7.45 -17.49 -1.40
C ILE B 111 -7.15 -18.86 -2.01
N VAL B 112 -7.07 -18.88 -3.34
CA VAL B 112 -6.79 -20.08 -4.11
C VAL B 112 -5.60 -20.81 -3.52
N SER B 113 -4.52 -20.08 -3.24
CA SER B 113 -3.31 -20.66 -2.68
C SER B 113 -3.49 -21.09 -1.23
N GLN B 114 -4.58 -21.79 -0.96
CA GLN B 114 -4.89 -22.30 0.37
C GLN B 114 -5.81 -23.49 0.16
N PHE B 115 -6.04 -23.77 -1.11
CA PHE B 115 -6.89 -24.87 -1.55
C PHE B 115 -6.12 -25.59 -2.65
N PHE B 116 -5.07 -24.93 -3.17
CA PHE B 116 -4.27 -25.47 -4.26
C PHE B 116 -3.07 -24.58 -4.59
N ASP B 117 -1.97 -25.19 -5.02
CA ASP B 117 -0.75 -24.44 -5.37
C ASP B 117 0.19 -25.27 -6.23
N ILE B 118 1.29 -24.65 -6.64
CA ILE B 118 2.30 -25.33 -7.44
C ILE B 118 3.63 -25.19 -6.70
N ASN B 119 4.24 -26.31 -6.35
CA ASN B 119 5.50 -26.27 -5.63
C ASN B 119 6.71 -26.52 -6.52
N ILE B 120 7.57 -25.52 -6.62
CA ILE B 120 8.81 -25.61 -7.40
C ILE B 120 9.94 -25.71 -6.40
N ASN B 121 10.44 -26.93 -6.22
CA ASN B 121 11.50 -27.21 -5.27
C ASN B 121 11.08 -26.65 -3.91
N GLY B 122 9.77 -26.54 -3.74
CA GLY B 122 9.21 -26.03 -2.50
C GLY B 122 8.42 -24.74 -2.65
N TYR B 123 9.06 -23.72 -3.23
CA TYR B 123 8.45 -22.42 -3.43
C TYR B 123 7.07 -22.54 -4.06
N PRO B 124 6.01 -22.13 -3.33
CA PRO B 124 4.61 -22.18 -3.80
C PRO B 124 4.23 -20.98 -4.67
N LEU B 125 4.34 -21.17 -5.97
CA LEU B 125 4.06 -20.12 -6.95
C LEU B 125 2.85 -19.24 -6.71
N LEU B 126 1.66 -19.81 -6.68
CA LEU B 126 0.48 -18.98 -6.48
C LEU B 126 0.61 -18.07 -5.26
N TYR B 127 0.72 -18.69 -4.08
CA TYR B 127 0.86 -17.98 -2.82
C TYR B 127 1.87 -16.84 -3.01
N THR B 128 3.13 -17.19 -3.28
CA THR B 128 4.18 -16.18 -3.50
C THR B 128 3.57 -15.02 -4.25
N LEU B 129 3.14 -15.31 -5.46
CA LEU B 129 2.54 -14.33 -6.32
C LEU B 129 1.60 -13.39 -5.56
N SER B 130 0.45 -13.91 -5.14
CA SER B 130 -0.51 -13.11 -4.41
C SER B 130 0.23 -12.04 -3.60
N LEU B 131 1.12 -12.46 -2.70
CA LEU B 131 1.90 -11.52 -1.87
C LEU B 131 2.63 -10.40 -2.62
N LEU B 132 3.23 -10.71 -3.77
CA LEU B 132 3.92 -9.69 -4.54
C LEU B 132 2.94 -8.67 -5.06
N ASN B 133 1.84 -9.16 -5.62
CA ASN B 133 0.80 -8.28 -6.16
C ASN B 133 0.18 -7.42 -5.07
N LEU B 134 0.06 -7.99 -3.88
CA LEU B 134 -0.48 -7.24 -2.77
C LEU B 134 0.50 -6.14 -2.42
N MET B 135 1.77 -6.47 -2.27
CA MET B 135 2.70 -5.42 -1.95
C MET B 135 2.75 -4.47 -3.15
N LEU B 136 2.93 -5.02 -4.35
CA LEU B 136 3.00 -4.22 -5.55
C LEU B 136 1.76 -3.31 -5.65
N GLY B 137 0.64 -3.81 -5.15
CA GLY B 137 -0.55 -2.99 -5.15
C GLY B 137 -0.39 -1.93 -4.07
N GLY B 138 -0.35 -2.37 -2.80
CA GLY B 138 -0.19 -1.47 -1.68
C GLY B 138 0.99 -0.50 -1.78
N PHE B 139 2.14 -0.98 -2.22
CA PHE B 139 3.27 -0.09 -2.32
C PHE B 139 2.97 1.11 -3.21
N ASN B 140 2.40 0.86 -4.39
CA ASN B 140 2.10 1.95 -5.31
C ASN B 140 1.07 2.92 -4.81
N LEU B 141 0.84 2.96 -3.50
CA LEU B 141 -0.14 3.88 -2.96
C LEU B 141 0.51 5.02 -2.19
N ILE B 142 1.84 5.04 -2.23
CA ILE B 142 2.66 6.07 -1.59
C ILE B 142 2.69 7.33 -2.46
N PRO B 143 2.12 8.44 -1.99
CA PRO B 143 2.13 9.67 -2.79
C PRO B 143 3.50 10.25 -3.24
N ALA B 144 4.09 9.60 -4.22
CA ALA B 144 5.38 10.02 -4.77
C ALA B 144 5.57 9.35 -6.14
N PHE B 145 6.66 9.66 -6.81
CA PHE B 145 6.92 9.04 -8.10
C PHE B 145 7.92 7.91 -7.93
N PRO B 146 7.90 6.91 -8.81
CA PRO B 146 7.00 6.78 -9.95
C PRO B 146 5.78 5.95 -9.60
N MET B 147 5.69 5.51 -8.35
CA MET B 147 4.55 4.70 -7.98
C MET B 147 3.29 5.49 -8.32
N ASP B 148 2.21 4.74 -8.57
CA ASP B 148 0.92 5.30 -8.97
C ASP B 148 0.36 6.39 -8.06
N GLY B 149 0.71 6.32 -6.78
CA GLY B 149 0.27 7.34 -5.84
C GLY B 149 0.88 8.70 -6.16
N GLY B 150 1.60 8.79 -7.27
CA GLY B 150 2.19 10.06 -7.64
C GLY B 150 1.44 10.70 -8.80
N ARG B 151 1.06 9.88 -9.77
CA ARG B 151 0.31 10.32 -10.93
C ARG B 151 -1.00 10.87 -10.37
N ILE B 152 -1.44 10.28 -9.25
CA ILE B 152 -2.67 10.69 -8.59
C ILE B 152 -2.46 11.89 -7.67
N LEU B 153 -1.29 11.99 -7.06
CA LEU B 153 -1.06 13.15 -6.22
C LEU B 153 -0.89 14.36 -7.13
N ARG B 154 -0.29 14.16 -8.29
CA ARG B 154 -0.08 15.23 -9.25
C ARG B 154 -1.44 15.78 -9.65
N ALA B 155 -2.36 14.87 -9.95
CA ALA B 155 -3.72 15.26 -10.34
C ALA B 155 -4.38 16.13 -9.29
N ILE B 156 -4.61 15.58 -8.10
CA ILE B 156 -5.23 16.35 -7.05
C ILE B 156 -4.54 17.70 -6.86
N LEU B 157 -3.24 17.73 -7.11
CA LEU B 157 -2.47 18.95 -6.96
C LEU B 157 -2.55 19.85 -8.20
N SER B 158 -2.30 19.28 -9.38
CA SER B 158 -2.35 19.99 -10.67
C SER B 158 -3.10 21.32 -10.71
N LYS B 159 -4.42 21.23 -10.62
CA LYS B 159 -5.31 22.39 -10.67
C LYS B 159 -4.90 23.58 -9.82
N LYS B 160 -4.05 23.37 -8.84
CA LYS B 160 -3.66 24.50 -8.00
C LYS B 160 -2.23 24.95 -8.23
N TYR B 161 -1.50 24.24 -9.09
CA TYR B 161 -0.11 24.58 -9.37
C TYR B 161 0.32 24.38 -10.83
N GLY B 162 -0.48 23.66 -11.61
CA GLY B 162 -0.17 23.44 -13.02
C GLY B 162 0.94 22.42 -13.28
N TYR B 163 0.75 21.58 -14.30
CA TYR B 163 1.71 20.52 -14.66
C TYR B 163 3.21 20.76 -14.50
N LEU B 164 3.82 21.50 -15.42
CA LEU B 164 5.26 21.75 -15.38
C LEU B 164 5.91 21.72 -14.00
N LYS B 165 5.46 22.56 -13.06
CA LYS B 165 6.02 22.53 -11.70
C LYS B 165 5.23 21.55 -10.82
N SER B 166 3.96 21.32 -11.13
CA SER B 166 3.17 20.38 -10.34
C SER B 166 3.73 18.97 -10.52
N THR B 167 4.49 18.77 -11.58
CA THR B 167 5.13 17.48 -11.80
C THR B 167 6.33 17.48 -10.88
N LYS B 168 7.16 18.51 -10.97
CA LYS B 168 8.34 18.65 -10.13
C LYS B 168 8.03 18.27 -8.69
N ILE B 169 6.94 18.83 -8.16
CA ILE B 169 6.52 18.57 -6.78
C ILE B 169 6.49 17.09 -6.47
N ALA B 170 5.60 16.35 -7.15
CA ALA B 170 5.52 14.92 -6.91
C ALA B 170 6.91 14.31 -7.11
N ALA B 171 7.48 14.48 -8.31
CA ALA B 171 8.81 13.95 -8.60
C ALA B 171 9.83 14.29 -7.53
N ASN B 172 9.79 15.53 -7.03
CA ASN B 172 10.71 15.98 -5.97
C ASN B 172 10.52 15.11 -4.72
N ILE B 173 9.24 14.88 -4.38
CA ILE B 173 8.81 14.08 -3.24
C ILE B 173 9.42 12.69 -3.33
N GLY B 174 9.51 12.20 -4.56
CA GLY B 174 10.09 10.90 -4.79
C GLY B 174 11.58 10.95 -4.45
N LYS B 175 12.33 11.74 -5.20
CA LYS B 175 13.74 11.87 -4.95
C LYS B 175 14.02 12.06 -3.47
N SER B 176 13.24 12.93 -2.82
CA SER B 176 13.46 13.16 -1.41
C SER B 176 13.21 11.88 -0.63
N LEU B 177 12.03 11.27 -0.82
CA LEU B 177 11.71 10.03 -0.12
C LEU B 177 12.82 9.02 -0.34
N ALA B 178 13.15 8.80 -1.61
CA ALA B 178 14.16 7.84 -2.00
C ALA B 178 15.37 8.05 -1.13
N LEU B 179 16.03 9.20 -1.30
CA LEU B 179 17.26 9.55 -0.58
C LEU B 179 17.24 9.12 0.88
N ILE B 180 16.23 9.59 1.60
CA ILE B 180 16.09 9.26 3.02
C ILE B 180 16.16 7.75 3.16
N MET B 181 15.32 7.06 2.38
CA MET B 181 15.27 5.60 2.43
C MET B 181 16.67 5.06 2.21
N LEU B 182 17.42 5.71 1.33
CA LEU B 182 18.77 5.26 1.02
C LEU B 182 19.62 5.35 2.28
N LEU B 183 19.64 6.51 2.90
CA LEU B 183 20.42 6.72 4.12
C LEU B 183 20.15 5.61 5.12
N PHE B 184 18.91 5.14 5.15
CA PHE B 184 18.49 4.07 6.05
C PHE B 184 19.10 2.73 5.64
N GLY B 185 18.91 2.39 4.37
CA GLY B 185 19.43 1.14 3.83
C GLY B 185 20.94 1.07 3.89
N LEU B 186 21.54 2.24 3.66
CA LEU B 186 22.97 2.44 3.66
C LEU B 186 23.49 2.37 5.06
N LEU B 187 22.74 2.95 5.96
CA LEU B 187 23.15 3.00 7.33
C LEU B 187 22.91 1.72 8.11
N SER B 188 22.01 0.88 7.62
CA SER B 188 21.71 -0.38 8.29
C SER B 188 22.14 -1.54 7.41
N MET B 189 22.87 -1.20 6.35
CA MET B 189 23.38 -2.19 5.41
C MET B 189 22.31 -3.17 5.02
N ASN B 190 21.11 -2.65 4.72
CA ASN B 190 20.06 -3.53 4.28
C ASN B 190 19.83 -3.33 2.80
N ILE B 191 20.53 -4.13 2.00
CA ILE B 191 20.42 -4.04 0.55
C ILE B 191 19.01 -3.72 0.04
N ILE B 192 18.01 -4.47 0.50
CA ILE B 192 16.63 -4.24 0.08
C ILE B 192 16.27 -2.74 0.09
N LEU B 193 16.33 -2.13 1.26
CA LEU B 193 16.05 -0.70 1.34
C LEU B 193 16.84 -0.05 0.20
N ILE B 194 18.16 -0.21 0.24
CA ILE B 194 19.04 0.35 -0.78
C ILE B 194 18.52 0.17 -2.20
N LEU B 195 18.26 -1.08 -2.56
CA LEU B 195 17.80 -1.40 -3.90
C LEU B 195 16.55 -0.68 -4.27
N VAL B 196 15.53 -0.76 -3.43
CA VAL B 196 14.28 -0.07 -3.71
C VAL B 196 14.55 1.42 -3.80
N SER B 197 15.35 1.92 -2.86
CA SER B 197 15.73 3.32 -2.83
C SER B 197 16.15 3.76 -4.25
N LEU B 198 16.92 2.92 -4.93
CA LEU B 198 17.36 3.27 -6.26
C LEU B 198 16.24 3.25 -7.32
N PHE B 199 15.46 2.17 -7.34
CA PHE B 199 14.34 2.06 -8.28
C PHE B 199 13.53 3.34 -8.22
N VAL B 200 13.06 3.65 -7.01
CA VAL B 200 12.27 4.83 -6.72
C VAL B 200 12.91 6.04 -7.38
N TYR B 201 14.10 6.41 -6.90
CA TYR B 201 14.80 7.59 -7.40
C TYR B 201 14.89 7.70 -8.88
N PHE B 202 15.57 6.75 -9.52
CA PHE B 202 15.69 6.84 -10.96
C PHE B 202 14.32 6.75 -11.58
N GLY B 203 13.33 6.35 -10.79
CA GLY B 203 11.98 6.29 -11.29
C GLY B 203 11.43 7.71 -11.35
N ALA B 204 11.85 8.55 -10.41
CA ALA B 204 11.41 9.94 -10.38
C ALA B 204 12.18 10.71 -11.46
N GLU B 205 13.45 10.39 -11.60
CA GLU B 205 14.31 11.04 -12.59
C GLU B 205 13.74 10.84 -13.98
N GLN B 206 13.13 9.68 -14.18
CA GLN B 206 12.54 9.28 -15.47
C GLN B 206 11.09 9.76 -15.65
N GLU B 207 10.46 10.22 -14.58
CA GLU B 207 9.09 10.71 -14.66
C GLU B 207 9.13 12.23 -14.68
N SER B 208 10.06 12.79 -13.92
CA SER B 208 10.21 14.23 -13.85
C SER B 208 10.66 14.83 -15.18
N ARG B 209 10.68 14.00 -16.22
CA ARG B 209 11.08 14.46 -17.56
C ARG B 209 9.91 15.27 -18.09
N VAL B 210 10.12 15.94 -19.22
CA VAL B 210 9.05 16.71 -19.84
C VAL B 210 9.27 16.74 -21.37
N VAL B 211 10.53 16.57 -21.77
CA VAL B 211 10.89 16.57 -23.18
C VAL B 211 11.88 15.45 -23.50
N GLU B 212 11.49 14.58 -24.42
CA GLU B 212 12.35 13.45 -24.80
C GLU B 212 12.49 13.29 -26.31
N VAL B 213 13.73 13.35 -26.80
CA VAL B 213 14.03 13.23 -28.23
C VAL B 213 14.60 11.84 -28.54
N GLU B 214 13.78 10.98 -29.14
CA GLU B 214 14.21 9.62 -29.48
C GLU B 214 14.59 9.42 -30.92
N THR B 215 14.77 8.16 -31.29
CA THR B 215 15.13 7.78 -32.65
C THR B 215 14.37 6.50 -32.95
N ILE B 216 14.25 6.16 -34.23
CA ILE B 216 13.54 4.97 -34.64
C ILE B 216 14.14 4.33 -35.89
N PHE B 217 14.13 3.00 -35.92
CA PHE B 217 14.62 2.24 -37.05
C PHE B 217 13.63 1.11 -37.24
N LYS B 218 12.60 1.34 -38.07
CA LYS B 218 11.57 0.33 -38.33
C LYS B 218 11.78 -0.52 -39.58
#